data_1UF8
#
_entry.id   1UF8
#
_cell.length_a   67.906
_cell.length_b   138.499
_cell.length_c   68.065
_cell.angle_alpha   90.00
_cell.angle_beta   90.00
_cell.angle_gamma   90.00
#
_symmetry.space_group_name_H-M   'P 21 21 2'
#
loop_
_entity.id
_entity.type
_entity.pdbx_description
1 polymer 'N-carbamyl-D-amino acid amidohydrolase'
2 non-polymer D-[(AMINO)CARBONYL]PHENYLALANINE
3 water water
#
_entity_poly.entity_id   1
_entity_poly.type   'polypeptide(L)'
_entity_poly.pdbx_seq_one_letter_code
;TRQMILAVGQQGPIARAETREQVVVRLLDMLTKAASRGANFIVFPELALTTFFPRWHFTDEAELDSFYETEMPGPVVRPL
FEKAAELGIGFNLGYAELVVEGGVKRRFNTSILVDKSGKIVGKYRKIHLPGHKEYEAYRPFQHLEKRYFEPGDLGFPVYD
VDAAKMGMFIANDRRWPEAWRVMGLRGAEIICGGYNTPTHNPPVPQHDHLTSFHHLLSMQAGSYQNGAWSAAAGKAGMEE
NCMLLGHSCIVAPTGEIVALTTTLEDEVITAAVDLDRCRELREHIFNFKQHRQPQHYGLIAEL
;
_entity_poly.pdbx_strand_id   A,B
#
loop_
_chem_comp.id
_chem_comp.type
_chem_comp.name
_chem_comp.formula
ING non-polymer D-[(AMINO)CARBONYL]PHENYLALANINE 'C10 H12 N2 O3'
#
# COMPACT_ATOMS: atom_id res chain seq x y z
N THR A 1 28.11 -5.54 10.97
CA THR A 1 26.89 -5.71 11.82
C THR A 1 25.64 -5.27 11.07
N ARG A 2 25.04 -6.21 10.34
CA ARG A 2 23.84 -5.96 9.57
C ARG A 2 22.81 -7.04 9.86
N GLN A 3 23.15 -7.91 10.81
CA GLN A 3 22.27 -9.01 11.23
C GLN A 3 21.75 -8.78 12.64
N MET A 4 20.51 -9.20 12.90
CA MET A 4 19.91 -9.05 14.22
C MET A 4 18.66 -9.92 14.33
N ILE A 5 18.11 -10.02 15.52
CA ILE A 5 16.91 -10.80 15.75
C ILE A 5 15.85 -9.86 16.34
N LEU A 6 14.78 -9.65 15.59
CA LEU A 6 13.70 -8.76 15.99
C LEU A 6 12.60 -9.53 16.69
N ALA A 7 12.03 -8.94 17.73
CA ALA A 7 10.95 -9.61 18.45
C ALA A 7 9.75 -8.69 18.61
N VAL A 8 8.59 -9.30 18.73
CA VAL A 8 7.34 -8.60 18.93
C VAL A 8 6.75 -9.18 20.20
N GLY A 9 6.37 -8.30 21.12
CA GLY A 9 5.78 -8.74 22.37
C GLY A 9 4.33 -8.33 22.39
N GLN A 10 3.47 -9.20 21.88
CA GLN A 10 2.04 -8.94 21.86
C GLN A 10 1.50 -8.99 23.28
N GLN A 11 0.55 -8.12 23.60
CA GLN A 11 -0.04 -8.13 24.93
C GLN A 11 -1.46 -8.65 24.93
N GLY A 12 -1.83 -9.30 26.03
CA GLY A 12 -3.18 -9.77 26.20
C GLY A 12 -3.87 -8.54 26.77
N PRO A 13 -5.16 -8.62 27.13
CA PRO A 13 -5.86 -7.45 27.69
C PRO A 13 -5.21 -6.85 28.94
N ILE A 14 -5.47 -5.56 29.15
CA ILE A 14 -4.99 -4.86 30.34
C ILE A 14 -6.28 -4.31 30.97
N ALA A 15 -6.61 -4.76 32.18
CA ALA A 15 -7.83 -4.32 32.85
C ALA A 15 -7.78 -2.85 33.23
N ARG A 16 -8.95 -2.24 33.35
CA ARG A 16 -9.03 -0.83 33.70
C ARG A 16 -8.28 -0.53 35.00
N ALA A 17 -8.40 -1.44 35.98
CA ALA A 17 -7.75 -1.24 37.26
C ALA A 17 -6.39 -1.93 37.39
N GLU A 18 -5.94 -2.58 36.32
CA GLU A 18 -4.64 -3.25 36.36
C GLU A 18 -3.59 -2.15 36.48
N THR A 19 -2.70 -2.28 37.45
CA THR A 19 -1.68 -1.26 37.68
C THR A 19 -0.51 -1.33 36.71
N ARG A 20 0.20 -0.22 36.59
CA ARG A 20 1.36 -0.18 35.71
C ARG A 20 2.42 -1.14 36.25
N GLU A 21 2.48 -1.30 37.55
CA GLU A 21 3.45 -2.22 38.14
C GLU A 21 3.18 -3.63 37.62
N GLN A 22 1.91 -4.01 37.59
CA GLN A 22 1.52 -5.34 37.12
C GLN A 22 1.81 -5.46 35.62
N VAL A 23 1.56 -4.40 34.87
CA VAL A 23 1.82 -4.42 33.44
C VAL A 23 3.33 -4.52 33.18
N VAL A 24 4.13 -3.81 33.98
CA VAL A 24 5.57 -3.85 33.81
C VAL A 24 6.09 -5.26 34.05
N VAL A 25 5.46 -5.99 34.97
CA VAL A 25 5.85 -7.36 35.25
C VAL A 25 5.65 -8.18 33.97
N ARG A 26 4.55 -7.93 33.28
CA ARG A 26 4.24 -8.65 32.06
C ARG A 26 5.22 -8.30 30.94
N LEU A 27 5.57 -7.02 30.85
CA LEU A 27 6.50 -6.56 29.81
C LEU A 27 7.89 -7.12 30.07
N LEU A 28 8.30 -7.11 31.33
CA LEU A 28 9.61 -7.63 31.71
C LEU A 28 9.73 -9.09 31.30
N ASP A 29 8.68 -9.86 31.54
CA ASP A 29 8.67 -11.27 31.20
C ASP A 29 8.87 -11.49 29.70
N MET A 30 8.16 -10.73 28.88
CA MET A 30 8.30 -10.87 27.44
C MET A 30 9.67 -10.41 26.93
N LEU A 31 10.18 -9.31 27.47
CA LEU A 31 11.48 -8.81 27.05
C LEU A 31 12.58 -9.80 27.44
N THR A 32 12.43 -10.41 28.61
CA THR A 32 13.40 -11.38 29.08
C THR A 32 13.37 -12.63 28.20
N LYS A 33 12.17 -13.10 27.85
CA LYS A 33 12.06 -14.28 27.02
C LYS A 33 12.58 -14.00 25.61
N ALA A 34 12.28 -12.81 25.08
CA ALA A 34 12.75 -12.44 23.75
C ALA A 34 14.29 -12.49 23.74
N ALA A 35 14.90 -11.90 24.75
CA ALA A 35 16.36 -11.89 24.83
C ALA A 35 16.94 -13.29 24.92
N SER A 36 16.29 -14.17 25.67
CA SER A 36 16.76 -15.54 25.83
C SER A 36 16.74 -16.28 24.50
N ARG A 37 15.92 -15.80 23.57
CA ARG A 37 15.81 -16.43 22.26
C ARG A 37 16.60 -15.67 21.19
N GLY A 38 17.50 -14.79 21.63
CA GLY A 38 18.35 -14.04 20.70
C GLY A 38 17.97 -12.64 20.27
N ALA A 39 16.75 -12.20 20.56
CA ALA A 39 16.31 -10.87 20.16
C ALA A 39 17.13 -9.74 20.78
N ASN A 40 17.38 -8.70 19.99
CA ASN A 40 18.13 -7.55 20.45
C ASN A 40 17.21 -6.33 20.47
N PHE A 41 15.94 -6.55 20.11
CA PHE A 41 14.95 -5.48 20.12
C PHE A 41 13.56 -6.09 20.14
N ILE A 42 12.67 -5.54 20.96
CA ILE A 42 11.32 -6.05 21.03
C ILE A 42 10.29 -4.93 20.95
N VAL A 43 9.34 -5.09 20.02
CA VAL A 43 8.30 -4.10 19.81
C VAL A 43 7.09 -4.40 20.67
N PHE A 44 6.62 -3.39 21.42
CA PHE A 44 5.45 -3.54 22.30
C PHE A 44 4.28 -2.75 21.71
N PRO A 45 3.06 -3.02 22.20
CA PRO A 45 1.86 -2.34 21.70
C PRO A 45 1.72 -0.84 21.93
N GLU A 46 0.74 -0.27 21.22
CA GLU A 46 0.38 1.14 21.37
C GLU A 46 -0.24 1.19 22.76
N LEU A 47 -0.05 2.29 23.47
CA LEU A 47 -0.61 2.47 24.81
C LEU A 47 -0.50 1.17 25.60
N ALA A 48 0.73 0.68 25.72
CA ALA A 48 1.01 -0.60 26.40
C ALA A 48 1.07 -0.59 27.93
N LEU A 49 0.78 0.54 28.55
CA LEU A 49 0.84 0.60 30.01
C LEU A 49 -0.53 0.64 30.66
N THR A 50 -1.58 0.76 29.85
CA THR A 50 -2.93 0.86 30.39
C THR A 50 -3.97 0.19 29.49
N THR A 51 -5.20 0.12 29.99
CA THR A 51 -6.31 -0.43 29.22
C THR A 51 -6.51 0.62 28.13
N PHE A 52 -7.21 0.28 27.05
CA PHE A 52 -7.41 1.26 25.98
C PHE A 52 -8.55 2.21 26.36
N PHE A 53 -8.24 3.14 27.27
CA PHE A 53 -9.22 4.11 27.76
C PHE A 53 -9.99 4.96 26.75
N PRO A 54 -9.48 5.10 25.51
CA PRO A 54 -10.27 5.92 24.57
C PRO A 54 -11.64 5.30 24.24
N ARG A 55 -11.89 4.09 24.74
CA ARG A 55 -13.17 3.44 24.47
C ARG A 55 -14.31 4.03 25.31
N TRP A 56 -13.95 4.86 26.29
CA TRP A 56 -14.95 5.47 27.17
C TRP A 56 -15.07 6.97 26.99
N HIS A 57 -16.25 7.49 27.36
CA HIS A 57 -16.50 8.92 27.29
C HIS A 57 -16.27 9.45 28.70
N PHE A 58 -15.16 10.14 28.90
CA PHE A 58 -14.83 10.69 30.22
C PHE A 58 -15.52 12.00 30.52
N THR A 59 -15.90 12.19 31.78
CA THR A 59 -16.57 13.40 32.23
C THR A 59 -15.75 14.06 33.33
N ASP A 60 -14.68 13.41 33.74
CA ASP A 60 -13.80 13.90 34.79
C ASP A 60 -12.36 13.94 34.29
N GLU A 61 -11.81 15.14 34.16
CA GLU A 61 -10.45 15.30 33.65
C GLU A 61 -9.39 14.61 34.51
N ALA A 62 -9.62 14.54 35.82
CA ALA A 62 -8.66 13.88 36.70
C ALA A 62 -8.62 12.39 36.39
N GLU A 63 -9.79 11.82 36.09
CA GLU A 63 -9.84 10.40 35.76
C GLU A 63 -9.12 10.15 34.44
N LEU A 64 -9.36 11.02 33.48
CA LEU A 64 -8.72 10.89 32.18
C LEU A 64 -7.21 10.96 32.33
N ASP A 65 -6.73 12.00 33.01
CA ASP A 65 -5.30 12.20 33.24
C ASP A 65 -4.61 11.02 33.89
N SER A 66 -5.35 10.25 34.69
CA SER A 66 -4.77 9.11 35.37
C SER A 66 -4.18 8.05 34.45
N PHE A 67 -4.60 8.05 33.19
CA PHE A 67 -4.09 7.08 32.23
C PHE A 67 -2.87 7.54 31.45
N TYR A 68 -2.43 8.77 31.70
CA TYR A 68 -1.27 9.33 31.00
C TYR A 68 0.01 9.30 31.85
N GLU A 69 1.15 9.29 31.17
CA GLU A 69 2.45 9.30 31.85
C GLU A 69 2.95 10.75 31.88
N THR A 70 3.37 11.22 33.04
CA THR A 70 3.88 12.59 33.17
C THR A 70 5.40 12.59 33.06
N GLU A 71 5.99 11.40 33.10
CA GLU A 71 7.43 11.24 32.96
C GLU A 71 7.72 9.88 32.35
N MET A 72 8.85 9.76 31.63
CA MET A 72 9.21 8.51 30.98
C MET A 72 10.71 8.26 30.96
N PRO A 73 11.20 7.30 31.76
CA PRO A 73 10.36 6.47 32.64
C PRO A 73 10.23 7.07 34.02
N GLY A 74 9.21 6.62 34.74
CA GLY A 74 9.02 7.06 36.10
C GLY A 74 9.53 5.89 36.92
N PRO A 75 9.36 5.91 38.25
CA PRO A 75 9.86 4.82 39.08
C PRO A 75 9.24 3.46 38.72
N VAL A 76 7.95 3.45 38.36
CA VAL A 76 7.27 2.20 38.04
C VAL A 76 7.78 1.52 36.78
N VAL A 77 8.01 2.30 35.72
CA VAL A 77 8.47 1.75 34.45
C VAL A 77 9.98 1.56 34.35
N ARG A 78 10.73 2.25 35.21
CA ARG A 78 12.19 2.17 35.20
C ARG A 78 12.79 0.76 35.11
N PRO A 79 12.21 -0.22 35.84
CA PRO A 79 12.73 -1.59 35.81
C PRO A 79 12.84 -2.19 34.41
N LEU A 80 11.92 -1.81 33.53
CA LEU A 80 11.93 -2.32 32.16
C LEU A 80 13.16 -1.79 31.42
N PHE A 81 13.48 -0.53 31.63
CA PHE A 81 14.63 0.09 31.00
C PHE A 81 15.92 -0.55 31.51
N GLU A 82 15.97 -0.79 32.81
CA GLU A 82 17.16 -1.40 33.41
C GLU A 82 17.38 -2.81 32.88
N LYS A 83 16.30 -3.57 32.70
CA LYS A 83 16.42 -4.94 32.19
C LYS A 83 16.85 -4.93 30.72
N ALA A 84 16.37 -3.94 29.97
CA ALA A 84 16.72 -3.84 28.56
C ALA A 84 18.23 -3.62 28.44
N ALA A 85 18.76 -2.74 29.27
CA ALA A 85 20.19 -2.45 29.26
C ALA A 85 20.96 -3.69 29.70
N GLU A 86 20.48 -4.32 30.76
CA GLU A 86 21.12 -5.52 31.30
C GLU A 86 21.25 -6.63 30.27
N LEU A 87 20.14 -6.97 29.61
CA LEU A 87 20.13 -8.05 28.64
C LEU A 87 20.54 -7.65 27.22
N GLY A 88 20.71 -6.35 26.99
CA GLY A 88 21.11 -5.90 25.67
C GLY A 88 20.01 -6.05 24.64
N ILE A 89 18.83 -5.57 25.00
CA ILE A 89 17.68 -5.65 24.10
C ILE A 89 16.86 -4.37 24.19
N GLY A 90 16.78 -3.65 23.07
CA GLY A 90 16.01 -2.42 23.04
C GLY A 90 14.54 -2.71 22.89
N PHE A 91 13.71 -1.66 22.88
CA PHE A 91 12.28 -1.87 22.72
C PHE A 91 11.54 -0.62 22.25
N ASN A 92 10.34 -0.83 21.73
CA ASN A 92 9.47 0.25 21.29
C ASN A 92 8.30 0.17 22.25
N LEU A 93 8.12 1.20 23.08
CA LEU A 93 7.04 1.21 24.05
C LEU A 93 6.04 2.31 23.73
N GLY A 94 4.76 1.94 23.68
CA GLY A 94 3.73 2.93 23.41
C GLY A 94 3.06 3.36 24.70
N TYR A 95 2.67 4.62 24.79
CA TYR A 95 2.01 5.12 26.00
C TYR A 95 1.31 6.45 25.76
N ALA A 96 0.47 6.85 26.71
CA ALA A 96 -0.26 8.12 26.61
C ALA A 96 0.60 9.18 27.30
N GLU A 97 0.97 10.21 26.54
CA GLU A 97 1.83 11.26 27.03
C GLU A 97 1.12 12.54 27.41
N LEU A 98 1.33 12.99 28.65
CA LEU A 98 0.73 14.23 29.14
C LEU A 98 1.85 15.22 29.43
N VAL A 99 1.84 16.35 28.72
CA VAL A 99 2.85 17.39 28.89
C VAL A 99 2.21 18.70 29.33
N VAL A 100 2.81 19.35 30.33
CA VAL A 100 2.30 20.63 30.81
C VAL A 100 3.25 21.73 30.38
N GLU A 101 2.76 22.64 29.54
CA GLU A 101 3.59 23.74 29.04
C GLU A 101 2.99 25.08 29.43
N GLY A 102 3.65 25.78 30.36
CA GLY A 102 3.17 27.07 30.80
C GLY A 102 1.71 27.02 31.19
N GLY A 103 1.32 25.97 31.90
CA GLY A 103 -0.06 25.83 32.34
C GLY A 103 -0.96 25.20 31.30
N VAL A 104 -0.39 24.83 30.16
CA VAL A 104 -1.17 24.22 29.08
C VAL A 104 -0.90 22.73 28.99
N LYS A 105 -1.96 21.92 29.00
CA LYS A 105 -1.79 20.48 28.90
C LYS A 105 -1.80 20.02 27.45
N ARG A 106 -0.80 19.23 27.08
CA ARG A 106 -0.69 18.68 25.74
C ARG A 106 -0.85 17.17 25.92
N ARG A 107 -1.69 16.55 25.10
CA ARG A 107 -1.93 15.10 25.18
C ARG A 107 -1.58 14.42 23.86
N PHE A 108 -0.76 13.37 23.93
CA PHE A 108 -0.38 12.63 22.72
C PHE A 108 -0.43 11.11 22.93
N ASN A 109 -0.64 10.40 21.82
CA ASN A 109 -0.64 8.93 21.82
C ASN A 109 0.80 8.77 21.32
N THR A 110 1.69 8.37 22.22
CA THR A 110 3.11 8.31 21.92
C THR A 110 3.80 6.95 21.93
N SER A 111 4.96 6.88 21.28
CA SER A 111 5.77 5.67 21.25
C SER A 111 7.24 6.11 21.26
N ILE A 112 8.08 5.34 21.94
CA ILE A 112 9.49 5.67 22.00
C ILE A 112 10.37 4.48 21.64
N LEU A 113 11.55 4.77 21.14
CA LEU A 113 12.52 3.76 20.78
C LEU A 113 13.62 3.80 21.83
N VAL A 114 13.92 2.65 22.40
CA VAL A 114 14.96 2.53 23.42
C VAL A 114 15.98 1.55 22.88
N ASP A 115 17.27 1.89 22.94
CA ASP A 115 18.28 0.97 22.42
C ASP A 115 18.69 -0.10 23.41
N LYS A 116 19.62 -0.97 23.01
CA LYS A 116 20.06 -2.07 23.86
C LYS A 116 20.86 -1.63 25.08
N SER A 117 21.00 -0.32 25.27
CA SER A 117 21.71 0.21 26.43
C SER A 117 20.68 0.80 27.38
N GLY A 118 19.40 0.66 27.01
CA GLY A 118 18.33 1.17 27.84
C GLY A 118 18.14 2.67 27.77
N LYS A 119 18.63 3.28 26.70
CA LYS A 119 18.50 4.72 26.53
C LYS A 119 17.48 5.08 25.45
N ILE A 120 16.66 6.09 25.75
CA ILE A 120 15.65 6.55 24.80
C ILE A 120 16.39 7.26 23.67
N VAL A 121 16.20 6.78 22.44
CA VAL A 121 16.88 7.38 21.30
C VAL A 121 15.93 7.99 20.26
N GLY A 122 14.63 7.98 20.56
CA GLY A 122 13.67 8.54 19.62
C GLY A 122 12.24 8.49 20.10
N LYS A 123 11.45 9.47 19.65
CA LYS A 123 10.05 9.54 20.02
C LYS A 123 9.20 9.83 18.79
N TYR A 124 7.95 9.39 18.84
CA TYR A 124 7.00 9.62 17.76
C TYR A 124 5.65 9.83 18.41
N ARG A 125 4.82 10.66 17.78
CA ARG A 125 3.48 10.95 18.28
C ARG A 125 2.47 10.70 17.17
N LYS A 126 1.52 9.82 17.43
CA LYS A 126 0.48 9.44 16.47
C LYS A 126 -0.10 10.61 15.71
N ILE A 127 0.07 10.59 14.39
CA ILE A 127 -0.43 11.65 13.53
C ILE A 127 -1.83 11.36 12.99
N HIS A 128 -2.12 10.09 12.71
CA HIS A 128 -3.43 9.73 12.19
C HIS A 128 -4.31 9.19 13.32
N LEU A 129 -5.21 10.05 13.81
CA LEU A 129 -6.11 9.65 14.88
C LEU A 129 -7.43 9.20 14.28
N PRO A 130 -7.81 7.94 14.56
CA PRO A 130 -9.05 7.35 14.04
C PRO A 130 -10.22 7.64 14.99
N GLY A 131 -11.40 7.21 14.59
CA GLY A 131 -12.57 7.40 15.44
C GLY A 131 -13.38 8.66 15.23
N HIS A 132 -14.02 9.09 16.31
CA HIS A 132 -14.87 10.26 16.30
C HIS A 132 -14.50 11.25 17.40
N LYS A 133 -15.16 12.40 17.38
CA LYS A 133 -14.92 13.47 18.33
C LYS A 133 -15.89 13.53 19.52
N GLU A 134 -17.16 13.26 19.26
CA GLU A 134 -18.17 13.32 20.31
C GLU A 134 -18.79 12.00 20.71
N TYR A 135 -19.40 11.98 21.88
CA TYR A 135 -20.06 10.78 22.40
C TYR A 135 -21.18 10.37 21.46
N GLU A 136 -21.19 9.09 21.08
CA GLU A 136 -22.22 8.57 20.20
C GLU A 136 -22.92 7.45 20.96
N ALA A 137 -24.14 7.73 21.39
CA ALA A 137 -24.94 6.80 22.17
C ALA A 137 -25.14 5.39 21.63
N TYR A 138 -25.19 5.23 20.31
CA TYR A 138 -25.43 3.91 19.74
C TYR A 138 -24.26 2.92 19.83
N ARG A 139 -23.06 3.42 20.02
CA ARG A 139 -21.87 2.57 20.08
C ARG A 139 -21.71 1.78 21.38
N PRO A 140 -21.44 0.47 21.28
CA PRO A 140 -21.26 -0.38 22.46
C PRO A 140 -19.99 0.08 23.18
N PHE A 141 -19.07 0.66 22.43
CA PHE A 141 -17.83 1.21 22.97
C PHE A 141 -17.42 2.35 22.05
N GLN A 142 -16.93 3.44 22.64
CA GLN A 142 -16.51 4.61 21.88
C GLN A 142 -15.07 4.45 21.38
N HIS A 143 -14.62 5.45 20.64
CA HIS A 143 -13.24 5.51 20.15
C HIS A 143 -12.98 6.99 19.98
N LEU A 144 -12.77 7.65 21.12
CA LEU A 144 -12.57 9.08 21.18
C LEU A 144 -11.13 9.57 21.17
N GLU A 145 -10.29 8.96 20.35
CA GLU A 145 -8.90 9.38 20.28
C GLU A 145 -8.76 10.84 19.85
N LYS A 146 -9.65 11.30 18.98
CA LYS A 146 -9.59 12.67 18.51
C LYS A 146 -9.85 13.68 19.62
N ARG A 147 -10.45 13.23 20.71
CA ARG A 147 -10.73 14.11 21.85
C ARG A 147 -9.61 14.04 22.90
N TYR A 148 -9.06 12.84 23.10
CA TYR A 148 -8.03 12.63 24.11
C TYR A 148 -6.59 12.80 23.66
N PHE A 149 -6.40 12.98 22.35
CA PHE A 149 -5.05 13.16 21.81
C PHE A 149 -5.01 14.22 20.73
N GLU A 150 -3.87 14.90 20.64
CA GLU A 150 -3.64 15.92 19.61
C GLU A 150 -2.83 15.20 18.55
N PRO A 151 -3.05 15.51 17.26
CA PRO A 151 -2.24 14.83 16.24
C PRO A 151 -0.76 15.13 16.51
N GLY A 152 0.09 14.13 16.33
CA GLY A 152 1.51 14.28 16.58
C GLY A 152 2.15 15.49 15.93
N ASP A 153 3.19 16.03 16.57
CA ASP A 153 3.89 17.22 16.06
C ASP A 153 5.36 16.95 15.74
N LEU A 154 5.72 15.67 15.66
CA LEU A 154 7.11 15.32 15.38
C LEU A 154 7.32 14.79 13.96
N GLY A 155 6.24 14.72 13.18
CA GLY A 155 6.34 14.19 11.84
C GLY A 155 6.61 12.70 11.91
N PHE A 156 7.16 12.13 10.85
CA PHE A 156 7.47 10.70 10.81
C PHE A 156 8.98 10.54 10.75
N PRO A 157 9.67 10.72 11.88
CA PRO A 157 11.12 10.59 11.91
C PRO A 157 11.65 9.16 11.85
N VAL A 158 12.94 9.04 11.55
CA VAL A 158 13.63 7.76 11.47
C VAL A 158 14.87 7.95 12.35
N TYR A 159 15.05 7.06 13.31
CA TYR A 159 16.19 7.16 14.22
C TYR A 159 17.16 6.00 14.14
N ASP A 160 18.40 6.27 14.55
CA ASP A 160 19.42 5.24 14.59
C ASP A 160 19.23 4.55 15.94
N VAL A 161 18.94 3.26 15.91
CA VAL A 161 18.77 2.48 17.14
C VAL A 161 19.85 1.43 17.04
N ASP A 162 20.95 1.64 17.75
CA ASP A 162 22.08 0.74 17.67
C ASP A 162 22.52 0.68 16.20
N ALA A 163 22.50 -0.49 15.57
CA ALA A 163 22.95 -0.57 14.18
C ALA A 163 21.85 -0.46 13.12
N ALA A 164 20.62 -0.17 13.53
CA ALA A 164 19.53 -0.08 12.58
C ALA A 164 18.86 1.28 12.49
N LYS A 165 18.32 1.57 11.31
CA LYS A 165 17.59 2.82 11.08
C LYS A 165 16.14 2.38 11.28
N MET A 166 15.51 2.91 12.32
CA MET A 166 14.14 2.54 12.64
C MET A 166 13.14 3.70 12.65
N GLY A 167 11.95 3.42 12.13
CA GLY A 167 10.89 4.42 12.10
C GLY A 167 9.73 3.87 12.90
N MET A 168 8.91 4.75 13.47
CA MET A 168 7.77 4.34 14.26
C MET A 168 6.43 4.75 13.68
N PHE A 169 5.43 3.88 13.87
CA PHE A 169 4.07 4.17 13.45
C PHE A 169 3.24 3.74 14.64
N ILE A 170 2.05 4.29 14.77
CA ILE A 170 1.19 3.91 15.86
C ILE A 170 -0.18 3.55 15.35
N ALA A 171 -0.56 2.30 15.58
CA ALA A 171 -1.85 1.76 15.19
C ALA A 171 -2.38 2.19 13.83
N ASN A 172 -3.44 3.00 13.84
CA ASN A 172 -4.07 3.48 12.61
C ASN A 172 -3.09 3.97 11.55
N ASP A 173 -1.95 4.52 11.99
CA ASP A 173 -0.92 5.02 11.07
C ASP A 173 -0.52 3.99 10.01
N ARG A 174 -0.56 2.72 10.38
CA ARG A 174 -0.13 1.67 9.47
C ARG A 174 -0.96 1.53 8.21
N ARG A 175 -2.16 2.13 8.22
CA ARG A 175 -3.05 2.06 7.06
C ARG A 175 -2.84 3.21 6.08
N TRP A 176 -1.97 4.15 6.42
CA TRP A 176 -1.71 5.30 5.56
C TRP A 176 -0.36 5.20 4.86
N PRO A 177 -0.37 5.09 3.53
CA PRO A 177 0.90 4.99 2.78
C PRO A 177 1.84 6.17 2.96
N GLU A 178 1.28 7.34 3.27
CA GLU A 178 2.11 8.53 3.48
C GLU A 178 3.04 8.36 4.67
N ALA A 179 2.54 7.71 5.72
CA ALA A 179 3.37 7.49 6.92
C ALA A 179 4.55 6.60 6.57
N TRP A 180 4.26 5.48 5.91
CA TRP A 180 5.31 4.55 5.52
C TRP A 180 6.29 5.19 4.57
N ARG A 181 5.78 5.90 3.57
CA ARG A 181 6.62 6.52 2.56
C ARG A 181 7.61 7.56 3.08
N VAL A 182 7.16 8.40 4.00
CA VAL A 182 8.06 9.42 4.55
C VAL A 182 9.24 8.71 5.23
N MET A 183 8.95 7.68 6.01
CA MET A 183 10.02 6.95 6.68
C MET A 183 10.83 6.16 5.64
N GLY A 184 10.18 5.75 4.57
CA GLY A 184 10.88 5.02 3.52
C GLY A 184 11.89 5.95 2.87
N LEU A 185 11.45 7.18 2.60
CA LEU A 185 12.32 8.18 1.97
C LEU A 185 13.45 8.58 2.89
N ARG A 186 13.28 8.32 4.19
CA ARG A 186 14.31 8.65 5.17
C ARG A 186 15.23 7.46 5.48
N GLY A 187 15.09 6.41 4.68
CA GLY A 187 15.94 5.23 4.81
C GLY A 187 15.69 4.23 5.91
N ALA A 188 14.47 4.20 6.48
CA ALA A 188 14.17 3.25 7.53
C ALA A 188 14.39 1.82 7.06
N GLU A 189 15.04 1.01 7.88
CA GLU A 189 15.28 -0.40 7.55
C GLU A 189 14.22 -1.22 8.27
N ILE A 190 13.72 -0.69 9.38
CA ILE A 190 12.67 -1.32 10.17
C ILE A 190 11.66 -0.25 10.51
N ILE A 191 10.38 -0.54 10.27
CA ILE A 191 9.30 0.39 10.57
C ILE A 191 8.42 -0.43 11.52
N CYS A 192 8.23 0.05 12.75
CA CYS A 192 7.47 -0.72 13.71
C CYS A 192 6.57 0.08 14.62
N GLY A 193 5.66 -0.62 15.27
CA GLY A 193 4.71 0.04 16.17
C GLY A 193 3.72 -0.96 16.70
N GLY A 194 2.73 -0.48 17.46
CA GLY A 194 1.73 -1.35 18.03
C GLY A 194 0.31 -0.93 17.73
N TYR A 195 -0.66 -1.66 18.26
CA TYR A 195 -2.04 -1.30 17.96
C TYR A 195 -3.10 -1.94 18.86
N ASN A 196 -4.23 -1.24 18.96
CA ASN A 196 -5.41 -1.68 19.70
C ASN A 196 -6.49 -1.54 18.64
N THR A 197 -6.82 -2.66 18.00
CA THR A 197 -7.81 -2.66 16.93
C THR A 197 -9.00 -3.58 17.22
N PRO A 198 -10.15 -2.98 17.60
CA PRO A 198 -11.34 -3.77 17.90
C PRO A 198 -11.77 -4.52 16.64
N THR A 199 -12.19 -5.78 16.78
CA THR A 199 -12.63 -6.55 15.62
C THR A 199 -14.04 -6.14 15.20
N HIS A 200 -14.60 -5.17 15.92
CA HIS A 200 -15.92 -4.64 15.61
C HIS A 200 -15.85 -3.14 15.42
N ASN A 201 -16.43 -2.66 14.32
CA ASN A 201 -16.43 -1.22 14.04
C ASN A 201 -17.89 -0.78 13.94
N PRO A 202 -18.39 -0.04 14.94
CA PRO A 202 -19.77 0.44 14.97
C PRO A 202 -20.30 1.12 13.72
N PRO A 203 -19.56 2.10 13.17
CA PRO A 203 -20.06 2.76 11.96
C PRO A 203 -20.01 1.92 10.68
N VAL A 204 -19.02 1.04 10.57
CA VAL A 204 -18.88 0.19 9.39
C VAL A 204 -18.65 -1.27 9.79
N PRO A 205 -19.65 -1.87 10.44
CA PRO A 205 -19.54 -3.26 10.89
C PRO A 205 -19.45 -4.28 9.76
N GLN A 206 -19.82 -3.88 8.54
CA GLN A 206 -19.76 -4.80 7.41
C GLN A 206 -18.33 -5.15 7.01
N HIS A 207 -17.34 -4.58 7.72
CA HIS A 207 -15.94 -4.88 7.44
C HIS A 207 -15.34 -5.64 8.62
N ASP A 208 -16.16 -5.97 9.61
CA ASP A 208 -15.68 -6.68 10.80
C ASP A 208 -14.91 -7.97 10.51
N HIS A 209 -15.40 -8.78 9.59
CA HIS A 209 -14.72 -10.04 9.26
C HIS A 209 -13.44 -9.83 8.47
N LEU A 210 -13.15 -8.58 8.13
CA LEU A 210 -11.94 -8.25 7.37
C LEU A 210 -10.87 -7.60 8.24
N THR A 211 -11.12 -7.52 9.54
CA THR A 211 -10.15 -6.89 10.43
C THR A 211 -8.73 -7.43 10.28
N SER A 212 -8.56 -8.75 10.34
CA SER A 212 -7.24 -9.34 10.19
C SER A 212 -6.67 -9.00 8.81
N PHE A 213 -7.47 -9.21 7.77
CA PHE A 213 -7.07 -8.93 6.39
C PHE A 213 -6.55 -7.52 6.19
N HIS A 214 -7.30 -6.52 6.64
CA HIS A 214 -6.89 -5.13 6.48
C HIS A 214 -5.62 -4.80 7.24
N HIS A 215 -5.48 -5.38 8.43
CA HIS A 215 -4.31 -5.17 9.26
C HIS A 215 -3.06 -5.74 8.55
N LEU A 216 -3.13 -7.01 8.18
CA LEU A 216 -2.01 -7.67 7.51
C LEU A 216 -1.74 -7.09 6.12
N LEU A 217 -2.80 -6.71 5.40
CA LEU A 217 -2.64 -6.11 4.07
C LEU A 217 -1.83 -4.82 4.19
N SER A 218 -2.11 -4.03 5.23
CA SER A 218 -1.41 -2.78 5.43
C SER A 218 0.07 -3.01 5.77
N MET A 219 0.33 -3.99 6.64
CA MET A 219 1.71 -4.27 7.03
C MET A 219 2.52 -4.82 5.85
N GLN A 220 1.94 -5.74 5.10
CA GLN A 220 2.63 -6.32 3.94
C GLN A 220 2.92 -5.31 2.84
N ALA A 221 1.92 -4.50 2.47
CA ALA A 221 2.10 -3.51 1.41
C ALA A 221 3.14 -2.46 1.79
N GLY A 222 3.02 -1.95 3.02
CA GLY A 222 3.95 -0.96 3.51
C GLY A 222 5.38 -1.45 3.46
N SER A 223 5.63 -2.66 3.95
CA SER A 223 6.97 -3.23 3.93
C SER A 223 7.49 -3.37 2.51
N TYR A 224 6.71 -4.04 1.66
CA TYR A 224 7.10 -4.28 0.28
C TYR A 224 7.41 -3.01 -0.52
N GLN A 225 6.48 -2.06 -0.52
CA GLN A 225 6.66 -0.85 -1.30
C GLN A 225 7.72 0.12 -0.81
N ASN A 226 8.23 -0.12 0.40
CA ASN A 226 9.29 0.73 0.95
C ASN A 226 10.53 -0.10 1.23
N GLY A 227 10.50 -1.37 0.82
CA GLY A 227 11.63 -2.25 1.05
C GLY A 227 12.08 -2.25 2.50
N ALA A 228 11.12 -2.28 3.42
CA ALA A 228 11.44 -2.25 4.83
C ALA A 228 10.91 -3.43 5.63
N TRP A 229 11.68 -3.85 6.63
CA TRP A 229 11.22 -4.91 7.51
C TRP A 229 10.22 -4.16 8.36
N SER A 230 9.22 -4.85 8.89
CA SER A 230 8.24 -4.17 9.73
C SER A 230 7.74 -5.13 10.81
N ALA A 231 7.18 -4.57 11.86
CA ALA A 231 6.66 -5.36 12.96
C ALA A 231 5.52 -4.58 13.59
N ALA A 232 4.49 -5.30 13.99
CA ALA A 232 3.33 -4.69 14.61
C ALA A 232 2.96 -5.51 15.83
N ALA A 233 2.92 -4.85 16.98
CA ALA A 233 2.58 -5.54 18.22
C ALA A 233 1.21 -5.12 18.67
N GLY A 234 0.28 -6.07 18.73
CA GLY A 234 -1.04 -5.69 19.16
C GLY A 234 -1.34 -6.06 20.60
N LYS A 235 -2.31 -5.37 21.17
CA LYS A 235 -2.79 -5.68 22.51
C LYS A 235 -4.10 -6.31 22.07
N ALA A 236 -4.23 -7.62 22.30
CA ALA A 236 -5.39 -8.37 21.85
C ALA A 236 -6.23 -8.98 22.96
N GLY A 237 -7.34 -9.60 22.55
CA GLY A 237 -8.22 -10.26 23.50
C GLY A 237 -9.41 -9.44 23.95
N MET A 238 -10.20 -10.03 24.85
CA MET A 238 -11.37 -9.34 25.36
C MET A 238 -10.96 -8.39 26.47
N GLU A 239 -10.79 -7.11 26.12
CA GLU A 239 -10.39 -6.12 27.11
C GLU A 239 -11.59 -5.24 27.45
N GLU A 240 -12.01 -5.30 28.71
CA GLU A 240 -13.16 -4.53 29.16
C GLU A 240 -14.36 -4.72 28.23
N ASN A 241 -14.63 -5.99 27.90
CA ASN A 241 -15.76 -6.36 27.07
C ASN A 241 -15.70 -5.99 25.58
N CYS A 242 -14.52 -5.62 25.10
CA CYS A 242 -14.34 -5.28 23.70
C CYS A 242 -13.25 -6.19 23.15
N MET A 243 -13.54 -6.91 22.07
CA MET A 243 -12.57 -7.83 21.48
C MET A 243 -11.55 -7.11 20.59
N LEU A 244 -10.28 -7.24 20.95
CA LEU A 244 -9.19 -6.61 20.21
C LEU A 244 -8.47 -7.63 19.32
N LEU A 245 -8.06 -7.18 18.15
CA LEU A 245 -7.36 -8.01 17.16
C LEU A 245 -5.98 -8.47 17.60
N GLY A 246 -5.66 -9.72 17.27
CA GLY A 246 -4.35 -10.27 17.57
C GLY A 246 -3.54 -10.19 16.29
N HIS A 247 -3.01 -11.32 15.86
CA HIS A 247 -2.22 -11.37 14.65
C HIS A 247 -1.07 -10.39 14.59
N SER A 248 -0.31 -10.31 15.69
CA SER A 248 0.86 -9.44 15.76
C SER A 248 1.80 -10.07 14.75
N CYS A 249 2.69 -9.29 14.14
CA CYS A 249 3.53 -9.85 13.10
C CYS A 249 4.85 -9.16 12.84
N ILE A 250 5.73 -9.88 12.15
CA ILE A 250 7.03 -9.37 11.71
C ILE A 250 6.98 -9.66 10.21
N VAL A 251 7.38 -8.67 9.42
CA VAL A 251 7.32 -8.78 7.97
C VAL A 251 8.64 -8.43 7.28
N ALA A 252 8.98 -9.19 6.25
CA ALA A 252 10.21 -8.97 5.47
C ALA A 252 10.02 -7.80 4.51
N PRO A 253 11.13 -7.22 4.02
CA PRO A 253 11.01 -6.09 3.09
C PRO A 253 10.32 -6.45 1.78
N THR A 254 10.02 -7.75 1.62
CA THR A 254 9.33 -8.24 0.43
C THR A 254 7.82 -8.25 0.69
N GLY A 255 7.42 -7.95 1.92
CA GLY A 255 6.01 -7.96 2.25
C GLY A 255 5.60 -9.33 2.78
N GLU A 256 6.54 -10.27 2.77
CA GLU A 256 6.27 -11.62 3.28
C GLU A 256 6.20 -11.63 4.80
N ILE A 257 5.14 -12.21 5.36
CA ILE A 257 5.00 -12.32 6.81
C ILE A 257 5.93 -13.45 7.26
N VAL A 258 6.90 -13.15 8.12
CA VAL A 258 7.83 -14.18 8.58
C VAL A 258 7.51 -14.75 9.96
N ALA A 259 6.71 -14.03 10.73
CA ALA A 259 6.30 -14.48 12.05
C ALA A 259 4.92 -13.93 12.38
N LEU A 260 4.08 -14.74 13.01
CA LEU A 260 2.72 -14.33 13.35
C LEU A 260 2.24 -14.96 14.66
N THR A 261 1.61 -14.16 15.52
CA THR A 261 1.09 -14.67 16.78
C THR A 261 -0.25 -15.35 16.51
N THR A 262 -0.58 -16.38 17.30
CA THR A 262 -1.83 -17.09 17.09
C THR A 262 -2.74 -17.08 18.32
N THR A 263 -2.28 -16.51 19.43
CA THR A 263 -3.10 -16.44 20.63
C THR A 263 -3.59 -15.02 20.81
N LEU A 264 -4.35 -14.80 21.88
CA LEU A 264 -4.88 -13.47 22.18
C LEU A 264 -4.38 -13.05 23.56
N GLU A 265 -3.23 -13.57 23.97
CA GLU A 265 -2.63 -13.26 25.25
C GLU A 265 -1.21 -12.74 25.05
N ASP A 266 -0.50 -12.49 26.15
CA ASP A 266 0.89 -12.03 26.03
C ASP A 266 1.59 -13.10 25.21
N GLU A 267 2.27 -12.68 24.14
CA GLU A 267 2.94 -13.65 23.28
C GLU A 267 4.13 -13.03 22.57
N VAL A 268 5.27 -13.72 22.66
CA VAL A 268 6.49 -13.26 22.01
C VAL A 268 6.77 -14.05 20.74
N ILE A 269 7.14 -13.36 19.67
CA ILE A 269 7.51 -14.01 18.43
C ILE A 269 8.79 -13.31 18.02
N THR A 270 9.66 -14.02 17.32
CA THR A 270 10.92 -13.46 16.89
C THR A 270 11.21 -13.85 15.46
N ALA A 271 12.13 -13.13 14.82
CA ALA A 271 12.51 -13.42 13.45
C ALA A 271 13.90 -12.83 13.16
N ALA A 272 14.69 -13.58 12.40
CA ALA A 272 16.03 -13.14 12.02
C ALA A 272 15.90 -12.00 11.02
N VAL A 273 16.64 -10.92 11.25
CA VAL A 273 16.59 -9.75 10.38
C VAL A 273 17.96 -9.35 9.84
N ASP A 274 18.06 -9.29 8.52
CA ASP A 274 19.29 -8.88 7.85
C ASP A 274 18.95 -7.51 7.24
N LEU A 275 19.53 -6.46 7.81
CA LEU A 275 19.25 -5.11 7.34
C LEU A 275 19.58 -4.87 5.86
N ASP A 276 20.44 -5.71 5.29
CA ASP A 276 20.82 -5.57 3.89
C ASP A 276 19.79 -6.15 2.93
N ARG A 277 18.79 -6.84 3.46
CA ARG A 277 17.74 -7.43 2.63
C ARG A 277 16.94 -6.33 1.95
N CYS A 278 16.90 -5.16 2.58
CA CYS A 278 16.16 -4.02 2.06
C CYS A 278 16.63 -3.65 0.66
N ARG A 279 17.90 -3.90 0.38
CA ARG A 279 18.49 -3.58 -0.91
C ARG A 279 17.81 -4.30 -2.07
N GLU A 280 17.27 -5.49 -1.82
CA GLU A 280 16.60 -6.25 -2.88
C GLU A 280 15.50 -5.43 -3.53
N LEU A 281 14.89 -4.54 -2.75
CA LEU A 281 13.82 -3.69 -3.26
C LEU A 281 14.31 -2.26 -3.55
N ARG A 282 15.04 -1.69 -2.58
CA ARG A 282 15.51 -0.32 -2.70
C ARG A 282 16.62 0.01 -3.68
N GLU A 283 17.30 -1.00 -4.21
CA GLU A 283 18.34 -0.73 -5.19
C GLU A 283 17.87 -1.24 -6.56
N HIS A 284 16.62 -1.69 -6.61
CA HIS A 284 16.07 -2.22 -7.84
C HIS A 284 14.65 -1.77 -8.18
N ILE A 285 13.66 -2.64 -8.02
CA ILE A 285 12.29 -2.28 -8.37
C ILE A 285 11.82 -0.99 -7.68
N PHE A 286 12.27 -0.78 -6.45
CA PHE A 286 11.88 0.43 -5.73
C PHE A 286 13.08 1.33 -5.44
N ASN A 287 13.92 1.49 -6.45
CA ASN A 287 15.07 2.37 -6.35
C ASN A 287 14.46 3.76 -6.50
N PHE A 288 14.08 4.37 -5.38
CA PHE A 288 13.45 5.69 -5.38
C PHE A 288 14.07 6.72 -6.31
N LYS A 289 15.36 7.00 -6.14
CA LYS A 289 16.03 8.00 -6.97
C LYS A 289 15.91 7.76 -8.47
N GLN A 290 15.98 6.50 -8.89
CA GLN A 290 15.90 6.18 -10.31
C GLN A 290 14.52 6.12 -10.94
N HIS A 291 13.48 5.87 -10.14
CA HIS A 291 12.14 5.71 -10.70
C HIS A 291 11.07 6.74 -10.35
N ARG A 292 11.12 7.29 -9.14
CA ARG A 292 10.11 8.27 -8.74
C ARG A 292 10.14 9.55 -9.55
N GLN A 293 8.98 10.18 -9.68
CA GLN A 293 8.81 11.43 -10.41
C GLN A 293 8.00 12.33 -9.48
N PRO A 294 8.60 12.77 -8.37
CA PRO A 294 7.95 13.62 -7.37
C PRO A 294 7.26 14.89 -7.87
N GLN A 295 7.61 15.37 -9.05
CA GLN A 295 6.96 16.56 -9.59
C GLN A 295 5.48 16.30 -9.83
N HIS A 296 5.10 15.03 -9.85
CA HIS A 296 3.71 14.66 -10.09
C HIS A 296 2.97 14.22 -8.84
N TYR A 297 3.66 14.23 -7.69
CA TYR A 297 3.04 13.80 -6.43
C TYR A 297 2.58 14.98 -5.57
N GLY A 298 2.77 16.19 -6.06
CA GLY A 298 2.41 17.38 -5.32
C GLY A 298 1.10 17.39 -4.56
N LEU A 299 0.04 16.87 -5.16
CA LEU A 299 -1.28 16.86 -4.52
C LEU A 299 -1.26 16.18 -3.15
N ILE A 300 -0.38 15.19 -2.98
CA ILE A 300 -0.26 14.46 -1.73
C ILE A 300 0.15 15.35 -0.56
N ALA A 301 0.92 16.38 -0.85
CA ALA A 301 1.39 17.29 0.22
C ALA A 301 0.59 18.58 0.35
N GLU A 302 -0.41 18.76 -0.51
CA GLU A 302 -1.23 19.98 -0.45
C GLU A 302 -2.10 20.02 0.79
N LEU A 303 -2.02 21.14 1.52
CA LEU A 303 -2.79 21.31 2.74
C LEU A 303 -4.28 21.45 2.46
N THR B 1 -28.50 4.44 -7.64
CA THR B 1 -27.73 3.27 -7.12
C THR B 1 -26.28 3.35 -7.60
N ARG B 2 -26.08 3.96 -8.76
CA ARG B 2 -24.74 4.10 -9.34
C ARG B 2 -24.05 2.75 -9.49
N GLN B 3 -24.71 1.84 -10.21
CA GLN B 3 -24.17 0.51 -10.42
C GLN B 3 -23.77 0.30 -11.88
N MET B 4 -22.83 -0.61 -12.08
CA MET B 4 -22.35 -0.94 -13.42
C MET B 4 -21.66 -2.30 -13.34
N ILE B 5 -21.27 -2.82 -14.50
CA ILE B 5 -20.58 -4.09 -14.55
C ILE B 5 -19.25 -3.85 -15.23
N LEU B 6 -18.17 -4.05 -14.48
CA LEU B 6 -16.82 -3.86 -14.95
C LEU B 6 -16.26 -5.18 -15.46
N ALA B 7 -15.46 -5.10 -16.53
CA ALA B 7 -14.87 -6.30 -17.09
C ALA B 7 -13.39 -6.09 -17.34
N VAL B 8 -12.65 -7.19 -17.40
CA VAL B 8 -11.23 -7.16 -17.66
C VAL B 8 -10.96 -8.17 -18.78
N GLY B 9 -10.29 -7.71 -19.82
CA GLY B 9 -9.99 -8.58 -20.93
C GLY B 9 -8.51 -8.93 -20.96
N GLN B 10 -8.16 -10.01 -20.28
CA GLN B 10 -6.78 -10.47 -20.24
C GLN B 10 -6.40 -10.99 -21.62
N GLN B 11 -5.14 -10.79 -22.00
CA GLN B 11 -4.66 -11.27 -23.29
C GLN B 11 -3.66 -12.39 -23.12
N GLY B 12 -3.69 -13.32 -24.08
CA GLY B 12 -2.72 -14.38 -24.09
C GLY B 12 -1.55 -13.73 -24.81
N PRO B 13 -0.46 -14.45 -25.10
CA PRO B 13 0.68 -13.84 -25.79
C PRO B 13 0.34 -13.24 -27.15
N ILE B 14 1.15 -12.27 -27.56
CA ILE B 14 1.02 -11.64 -28.87
C ILE B 14 2.39 -11.85 -29.50
N ALA B 15 2.45 -12.65 -30.56
CA ALA B 15 3.71 -12.93 -31.24
C ALA B 15 4.26 -11.71 -31.96
N ARG B 16 5.58 -11.65 -32.12
CA ARG B 16 6.23 -10.54 -32.79
C ARG B 16 5.74 -10.39 -34.22
N ALA B 17 5.30 -11.49 -34.82
CA ALA B 17 4.80 -11.46 -36.19
C ALA B 17 3.28 -11.35 -36.28
N GLU B 18 2.61 -11.25 -35.13
CA GLU B 18 1.15 -11.13 -35.13
C GLU B 18 0.79 -9.70 -35.51
N THR B 19 -0.13 -9.54 -36.45
CA THR B 19 -0.53 -8.23 -36.91
C THR B 19 -1.54 -7.55 -36.00
N ARG B 20 -1.63 -6.23 -36.11
CA ARG B 20 -2.57 -5.47 -35.31
C ARG B 20 -3.99 -5.89 -35.68
N GLU B 21 -4.20 -6.23 -36.95
CA GLU B 21 -5.51 -6.65 -37.41
C GLU B 21 -5.92 -7.92 -36.67
N GLN B 22 -4.98 -8.84 -36.50
CA GLN B 22 -5.24 -10.10 -35.80
C GLN B 22 -5.51 -9.84 -34.32
N VAL B 23 -4.75 -8.91 -33.74
CA VAL B 23 -4.93 -8.58 -32.34
C VAL B 23 -6.30 -7.93 -32.13
N VAL B 24 -6.69 -7.04 -33.05
CA VAL B 24 -7.98 -6.38 -32.96
C VAL B 24 -9.13 -7.39 -32.97
N VAL B 25 -8.95 -8.48 -33.72
CA VAL B 25 -9.97 -9.53 -33.79
C VAL B 25 -10.15 -10.14 -32.40
N ARG B 26 -9.03 -10.36 -31.71
CA ARG B 26 -9.05 -10.93 -30.36
C ARG B 26 -9.67 -9.95 -29.37
N LEU B 27 -9.35 -8.67 -29.52
CA LEU B 27 -9.89 -7.64 -28.63
C LEU B 27 -11.40 -7.52 -28.83
N LEU B 28 -11.82 -7.56 -30.10
CA LEU B 28 -13.24 -7.46 -30.43
C LEU B 28 -14.04 -8.60 -29.80
N ASP B 29 -13.48 -9.80 -29.85
CA ASP B 29 -14.14 -10.97 -29.30
C ASP B 29 -14.37 -10.82 -27.78
N MET B 30 -13.36 -10.34 -27.07
CA MET B 30 -13.47 -10.16 -25.63
C MET B 30 -14.44 -9.03 -25.28
N LEU B 31 -14.38 -7.94 -26.02
CA LEU B 31 -15.28 -6.81 -25.77
C LEU B 31 -16.72 -7.23 -26.03
N THR B 32 -16.91 -8.05 -27.07
CA THR B 32 -18.24 -8.53 -27.42
C THR B 32 -18.75 -9.48 -26.34
N LYS B 33 -17.90 -10.41 -25.92
CA LYS B 33 -18.27 -11.36 -24.88
C LYS B 33 -18.59 -10.62 -23.58
N ALA B 34 -17.78 -9.63 -23.25
CA ALA B 34 -17.98 -8.84 -22.03
C ALA B 34 -19.35 -8.19 -22.05
N ALA B 35 -19.65 -7.50 -23.15
CA ALA B 35 -20.93 -6.82 -23.30
C ALA B 35 -22.12 -7.78 -23.14
N SER B 36 -22.00 -8.97 -23.71
CA SER B 36 -23.07 -9.96 -23.63
C SER B 36 -23.32 -10.40 -22.19
N ARG B 37 -22.32 -10.21 -21.34
CA ARG B 37 -22.46 -10.59 -19.93
C ARG B 37 -22.79 -9.37 -19.07
N GLY B 38 -23.20 -8.29 -19.73
CA GLY B 38 -23.59 -7.09 -19.01
C GLY B 38 -22.57 -6.00 -18.75
N ALA B 39 -21.31 -6.23 -19.09
CA ALA B 39 -20.25 -5.24 -18.85
C ALA B 39 -20.46 -3.93 -19.61
N ASN B 40 -20.23 -2.81 -18.92
CA ASN B 40 -20.37 -1.47 -19.50
C ASN B 40 -18.99 -0.87 -19.76
N PHE B 41 -17.94 -1.60 -19.36
CA PHE B 41 -16.57 -1.13 -19.54
C PHE B 41 -15.63 -2.33 -19.42
N ILE B 42 -14.62 -2.38 -20.26
CA ILE B 42 -13.65 -3.48 -20.20
C ILE B 42 -12.23 -2.94 -20.27
N VAL B 43 -11.40 -3.44 -19.35
CA VAL B 43 -10.01 -3.03 -19.28
C VAL B 43 -9.13 -4.00 -20.06
N PHE B 44 -8.29 -3.46 -20.94
CA PHE B 44 -7.37 -4.29 -21.73
C PHE B 44 -5.96 -4.04 -21.20
N PRO B 45 -4.99 -4.90 -21.59
CA PRO B 45 -3.61 -4.77 -21.14
C PRO B 45 -2.79 -3.57 -21.62
N GLU B 46 -1.63 -3.40 -20.99
CA GLU B 46 -0.67 -2.37 -21.34
C GLU B 46 -0.10 -2.83 -22.68
N LEU B 47 0.20 -1.88 -23.57
CA LEU B 47 0.76 -2.21 -24.89
C LEU B 47 0.05 -3.44 -25.46
N ALA B 48 -1.27 -3.33 -25.57
CA ALA B 48 -2.12 -4.41 -26.03
C ALA B 48 -2.21 -4.67 -27.54
N LEU B 49 -1.51 -3.89 -28.35
CA LEU B 49 -1.59 -4.08 -29.79
C LEU B 49 -0.39 -4.80 -30.40
N THR B 50 0.63 -5.05 -29.59
CA THR B 50 1.83 -5.71 -30.08
C THR B 50 2.46 -6.60 -29.02
N THR B 51 3.52 -7.30 -29.43
CA THR B 51 4.26 -8.15 -28.52
C THR B 51 4.98 -7.14 -27.62
N PHE B 52 5.45 -7.56 -26.45
CA PHE B 52 6.14 -6.64 -25.56
C PHE B 52 7.56 -6.38 -26.07
N PHE B 53 7.67 -5.50 -27.06
CA PHE B 53 8.96 -5.20 -27.69
C PHE B 53 10.11 -4.70 -26.80
N PRO B 54 9.81 -4.16 -25.60
CA PRO B 54 10.94 -3.70 -24.79
C PRO B 54 11.89 -4.81 -24.36
N ARG B 55 11.55 -6.06 -24.65
CA ARG B 55 12.42 -7.18 -24.28
C ARG B 55 13.61 -7.34 -25.23
N TRP B 56 13.62 -6.58 -26.31
CA TRP B 56 14.72 -6.65 -27.27
C TRP B 56 15.43 -5.31 -27.44
N HIS B 57 16.69 -5.38 -27.82
CA HIS B 57 17.48 -4.18 -28.07
C HIS B 57 17.43 -3.99 -29.58
N PHE B 58 16.91 -2.85 -30.03
CA PHE B 58 16.81 -2.58 -31.47
C PHE B 58 17.94 -1.68 -31.96
N THR B 59 18.49 -2.03 -33.12
CA THR B 59 19.55 -1.24 -33.73
C THR B 59 18.95 -0.42 -34.86
N ASP B 60 17.88 -0.94 -35.46
CA ASP B 60 17.19 -0.26 -36.55
C ASP B 60 16.03 0.55 -35.98
N GLU B 61 16.10 1.87 -36.10
CA GLU B 61 15.06 2.73 -35.57
C GLU B 61 13.72 2.55 -36.29
N ALA B 62 13.77 2.20 -37.57
CA ALA B 62 12.55 2.00 -38.33
C ALA B 62 11.80 0.80 -37.77
N GLU B 63 12.57 -0.21 -37.35
CA GLU B 63 11.97 -1.41 -36.79
C GLU B 63 11.30 -1.07 -35.46
N LEU B 64 12.00 -0.30 -34.64
CA LEU B 64 11.45 0.10 -33.34
C LEU B 64 10.13 0.86 -33.55
N ASP B 65 10.16 1.85 -34.44
CA ASP B 65 8.99 2.67 -34.72
C ASP B 65 7.77 1.87 -35.18
N SER B 66 8.00 0.71 -35.79
CA SER B 66 6.89 -0.11 -36.29
C SER B 66 5.95 -0.57 -35.19
N PHE B 67 6.45 -0.58 -33.94
CA PHE B 67 5.64 -1.02 -32.81
C PHE B 67 4.82 0.09 -32.18
N TYR B 68 4.97 1.31 -32.67
CA TYR B 68 4.24 2.44 -32.13
C TYR B 68 3.07 2.88 -33.00
N GLU B 69 2.07 3.49 -32.36
CA GLU B 69 0.89 3.99 -33.05
C GLU B 69 1.11 5.47 -33.29
N THR B 70 0.86 5.94 -34.51
CA THR B 70 1.02 7.36 -34.82
C THR B 70 -0.36 8.00 -34.91
N GLU B 71 -1.37 7.15 -34.84
CA GLU B 71 -2.78 7.56 -34.89
C GLU B 71 -3.57 6.73 -33.89
N MET B 72 -4.57 7.33 -33.28
CA MET B 72 -5.41 6.60 -32.33
C MET B 72 -6.81 7.20 -32.31
N PRO B 73 -7.78 6.51 -32.92
CA PRO B 73 -7.56 5.23 -33.59
C PRO B 73 -7.22 5.37 -35.08
N GLY B 74 -6.54 4.35 -35.60
CA GLY B 74 -6.21 4.33 -37.01
C GLY B 74 -7.20 3.39 -37.66
N PRO B 75 -7.18 3.21 -38.98
CA PRO B 75 -8.12 2.31 -39.65
C PRO B 75 -8.15 0.90 -39.07
N VAL B 76 -6.98 0.38 -38.72
CA VAL B 76 -6.87 -0.97 -38.16
C VAL B 76 -7.58 -1.14 -36.82
N VAL B 77 -7.44 -0.15 -35.94
CA VAL B 77 -8.06 -0.24 -34.62
C VAL B 77 -9.50 0.31 -34.59
N ARG B 78 -9.84 1.08 -35.60
CA ARG B 78 -11.17 1.68 -35.72
C ARG B 78 -12.32 0.75 -35.31
N PRO B 79 -12.36 -0.49 -35.84
CA PRO B 79 -13.41 -1.46 -35.52
C PRO B 79 -13.73 -1.61 -34.04
N LEU B 80 -12.68 -1.60 -33.21
CA LEU B 80 -12.86 -1.75 -31.77
C LEU B 80 -13.70 -0.61 -31.21
N PHE B 81 -13.40 0.61 -31.64
CA PHE B 81 -14.14 1.78 -31.18
C PHE B 81 -15.57 1.74 -31.66
N GLU B 82 -15.77 1.27 -32.90
CA GLU B 82 -17.10 1.19 -33.47
C GLU B 82 -17.95 0.16 -32.72
N LYS B 83 -17.34 -0.96 -32.34
CA LYS B 83 -18.08 -2.00 -31.62
C LYS B 83 -18.39 -1.52 -30.21
N ALA B 84 -17.48 -0.75 -29.63
CA ALA B 84 -17.67 -0.23 -28.27
C ALA B 84 -18.90 0.68 -28.26
N ALA B 85 -19.02 1.52 -29.28
CA ALA B 85 -20.15 2.44 -29.37
C ALA B 85 -21.44 1.67 -29.63
N GLU B 86 -21.37 0.70 -30.54
CA GLU B 86 -22.52 -0.11 -30.90
C GLU B 86 -23.11 -0.85 -29.69
N LEU B 87 -22.26 -1.58 -28.99
CA LEU B 87 -22.70 -2.37 -27.84
C LEU B 87 -22.77 -1.56 -26.54
N GLY B 88 -22.35 -0.31 -26.59
CA GLY B 88 -22.40 0.53 -25.41
C GLY B 88 -21.48 0.03 -24.30
N ILE B 89 -20.23 -0.23 -24.64
CA ILE B 89 -19.25 -0.70 -23.67
C ILE B 89 -17.92 0.02 -23.89
N GLY B 90 -17.50 0.79 -22.89
CA GLY B 90 -16.26 1.52 -23.02
C GLY B 90 -15.07 0.61 -22.76
N PHE B 91 -13.86 1.14 -22.87
CA PHE B 91 -12.68 0.33 -22.62
C PHE B 91 -11.42 1.14 -22.35
N ASN B 92 -10.43 0.47 -21.78
CA ASN B 92 -9.15 1.07 -21.46
C ASN B 92 -8.15 0.32 -22.35
N LEU B 93 -7.51 1.03 -23.27
CA LEU B 93 -6.57 0.40 -24.18
C LEU B 93 -5.16 0.95 -24.01
N GLY B 94 -4.19 0.04 -23.92
CA GLY B 94 -2.81 0.44 -23.77
C GLY B 94 -2.10 0.25 -25.11
N TYR B 95 -1.16 1.13 -25.41
CA TYR B 95 -0.42 1.04 -26.66
C TYR B 95 0.81 1.93 -26.61
N ALA B 96 1.70 1.77 -27.57
CA ALA B 96 2.92 2.57 -27.64
C ALA B 96 2.59 3.80 -28.48
N GLU B 97 2.84 4.98 -27.94
CA GLU B 97 2.52 6.21 -28.64
C GLU B 97 3.75 6.94 -29.17
N LEU B 98 3.71 7.28 -30.45
CA LEU B 98 4.80 8.01 -31.09
C LEU B 98 4.24 9.31 -31.65
N VAL B 99 4.77 10.43 -31.17
CA VAL B 99 4.32 11.73 -31.64
C VAL B 99 5.51 12.67 -31.80
N VAL B 100 5.56 13.35 -32.93
CA VAL B 100 6.64 14.29 -33.21
C VAL B 100 6.19 15.69 -32.82
N GLU B 101 6.90 16.28 -31.86
CA GLU B 101 6.58 17.63 -31.39
C GLU B 101 7.84 18.49 -31.33
N GLY B 102 7.78 19.66 -31.96
CA GLY B 102 8.91 20.56 -31.97
C GLY B 102 10.24 19.93 -32.34
N GLY B 103 10.25 19.09 -33.38
CA GLY B 103 11.48 18.46 -33.81
C GLY B 103 11.94 17.26 -32.98
N VAL B 104 11.11 16.83 -32.03
CA VAL B 104 11.47 15.70 -31.19
C VAL B 104 10.50 14.53 -31.39
N LYS B 105 11.03 13.33 -31.52
CA LYS B 105 10.19 12.14 -31.67
C LYS B 105 9.91 11.66 -30.26
N ARG B 106 8.72 11.93 -29.77
CA ARG B 106 8.36 11.54 -28.42
C ARG B 106 7.70 10.18 -28.38
N ARG B 107 8.16 9.34 -27.46
CA ARG B 107 7.64 7.99 -27.30
C ARG B 107 7.09 7.79 -25.90
N PHE B 108 5.86 7.30 -25.81
CA PHE B 108 5.24 7.08 -24.51
C PHE B 108 4.60 5.70 -24.44
N ASN B 109 4.49 5.18 -23.22
CA ASN B 109 3.83 3.91 -22.96
C ASN B 109 2.49 4.50 -22.53
N THR B 110 1.50 4.44 -23.42
CA THR B 110 0.22 5.09 -23.18
C THR B 110 -1.03 4.24 -22.98
N SER B 111 -2.07 4.85 -22.43
CA SER B 111 -3.35 4.19 -22.22
C SER B 111 -4.46 5.22 -22.34
N ILE B 112 -5.60 4.80 -22.86
CA ILE B 112 -6.73 5.71 -23.03
C ILE B 112 -8.03 5.12 -22.51
N LEU B 113 -8.92 6.01 -22.09
CA LEU B 113 -10.23 5.62 -21.61
C LEU B 113 -11.21 6.00 -22.71
N VAL B 114 -11.99 5.02 -23.15
CA VAL B 114 -12.99 5.24 -24.19
C VAL B 114 -14.36 4.98 -23.54
N ASP B 115 -15.31 5.90 -23.68
CA ASP B 115 -16.61 5.69 -23.07
C ASP B 115 -17.52 4.79 -23.91
N LYS B 116 -18.74 4.57 -23.42
CA LYS B 116 -19.68 3.69 -24.12
C LYS B 116 -20.21 4.23 -25.43
N SER B 117 -19.70 5.40 -25.83
CA SER B 117 -20.08 6.02 -27.09
C SER B 117 -18.92 5.88 -28.08
N GLY B 118 -17.86 5.21 -27.63
CA GLY B 118 -16.69 5.00 -28.46
C GLY B 118 -15.80 6.22 -28.61
N LYS B 119 -15.95 7.17 -27.70
CA LYS B 119 -15.18 8.41 -27.74
C LYS B 119 -14.05 8.39 -26.71
N ILE B 120 -12.86 8.87 -27.11
CA ILE B 120 -11.73 8.92 -26.20
C ILE B 120 -11.99 10.04 -25.21
N VAL B 121 -12.12 9.69 -23.94
CA VAL B 121 -12.39 10.66 -22.88
C VAL B 121 -11.15 11.14 -22.16
N GLY B 122 -10.09 10.35 -22.16
CA GLY B 122 -8.89 10.76 -21.47
C GLY B 122 -7.68 9.90 -21.78
N LYS B 123 -6.50 10.50 -21.63
CA LYS B 123 -5.25 9.81 -21.89
C LYS B 123 -4.34 9.86 -20.67
N TYR B 124 -3.47 8.86 -20.57
CA TYR B 124 -2.49 8.78 -19.50
C TYR B 124 -1.21 8.21 -20.09
N ARG B 125 -0.07 8.74 -19.65
CA ARG B 125 1.22 8.27 -20.13
C ARG B 125 2.03 7.77 -18.94
N LYS B 126 2.40 6.51 -19.00
CA LYS B 126 3.15 5.83 -17.94
C LYS B 126 4.26 6.67 -17.33
N ILE B 127 4.12 6.97 -16.04
CA ILE B 127 5.08 7.79 -15.32
C ILE B 127 6.22 6.99 -14.69
N HIS B 128 5.92 5.79 -14.19
CA HIS B 128 6.96 4.97 -13.57
C HIS B 128 7.46 3.92 -14.55
N LEU B 129 8.61 4.21 -15.17
CA LEU B 129 9.20 3.29 -16.13
C LEU B 129 10.20 2.38 -15.42
N PRO B 130 9.97 1.07 -15.44
CA PRO B 130 10.87 0.10 -14.80
C PRO B 130 11.93 -0.31 -15.80
N GLY B 131 12.86 -1.15 -15.39
CA GLY B 131 13.88 -1.64 -16.31
C GLY B 131 15.16 -0.84 -16.42
N HIS B 132 15.70 -0.82 -17.63
CA HIS B 132 16.96 -0.14 -17.91
C HIS B 132 16.98 0.59 -19.24
N LYS B 133 18.08 1.32 -19.49
CA LYS B 133 18.25 2.09 -20.70
C LYS B 133 19.21 1.47 -21.72
N GLU B 134 20.22 0.76 -21.23
CA GLU B 134 21.20 0.15 -22.13
C GLU B 134 21.13 -1.37 -22.10
N TYR B 135 21.47 -1.99 -23.23
CA TYR B 135 21.47 -3.44 -23.33
C TYR B 135 22.34 -4.02 -22.22
N GLU B 136 21.86 -5.08 -21.58
CA GLU B 136 22.60 -5.75 -20.50
C GLU B 136 22.69 -7.23 -20.84
N ALA B 137 23.89 -7.67 -21.22
CA ALA B 137 24.14 -9.04 -21.60
C ALA B 137 23.78 -10.13 -20.59
N TYR B 138 23.84 -9.82 -19.30
CA TYR B 138 23.54 -10.84 -18.30
C TYR B 138 22.04 -11.21 -18.25
N ARG B 139 21.20 -10.40 -18.90
CA ARG B 139 19.77 -10.67 -18.90
C ARG B 139 19.35 -11.62 -20.02
N PRO B 140 18.51 -12.62 -19.69
CA PRO B 140 18.05 -13.59 -20.69
C PRO B 140 17.09 -12.89 -21.65
N PHE B 141 16.55 -11.76 -21.19
CA PHE B 141 15.66 -10.92 -21.98
C PHE B 141 15.71 -9.53 -21.36
N GLN B 142 15.70 -8.51 -22.21
CA GLN B 142 15.79 -7.13 -21.74
C GLN B 142 14.45 -6.55 -21.30
N HIS B 143 14.51 -5.35 -20.75
CA HIS B 143 13.32 -4.62 -20.32
C HIS B 143 13.71 -3.16 -20.45
N LEU B 144 13.90 -2.76 -21.70
CA LEU B 144 14.34 -1.42 -22.05
C LEU B 144 13.28 -0.32 -22.11
N GLU B 145 12.36 -0.32 -21.16
CA GLU B 145 11.32 0.71 -21.15
C GLU B 145 11.91 2.10 -20.98
N LYS B 146 13.00 2.22 -20.23
CA LYS B 146 13.63 3.52 -20.02
C LYS B 146 14.33 3.99 -21.29
N ARG B 147 14.54 3.07 -22.22
CA ARG B 147 15.19 3.42 -23.48
C ARG B 147 14.14 3.72 -24.55
N TYR B 148 13.01 3.03 -24.49
CA TYR B 148 11.95 3.18 -25.49
C TYR B 148 10.81 4.13 -25.17
N PHE B 149 10.76 4.61 -23.93
CA PHE B 149 9.71 5.53 -23.51
C PHE B 149 10.28 6.59 -22.59
N GLU B 150 9.65 7.76 -22.57
CA GLU B 150 10.09 8.79 -21.66
C GLU B 150 8.97 8.84 -20.64
N PRO B 151 9.28 9.23 -19.39
CA PRO B 151 8.26 9.29 -18.33
C PRO B 151 7.07 10.16 -18.74
N GLY B 152 5.86 9.68 -18.45
CA GLY B 152 4.65 10.40 -18.80
C GLY B 152 4.65 11.86 -18.39
N ASP B 153 3.98 12.69 -19.19
CA ASP B 153 3.92 14.13 -18.94
C ASP B 153 2.52 14.67 -18.65
N LEU B 154 1.58 13.78 -18.33
CA LEU B 154 0.21 14.21 -18.06
C LEU B 154 -0.17 14.07 -16.58
N GLY B 155 0.79 13.67 -15.75
CA GLY B 155 0.51 13.49 -14.34
C GLY B 155 -0.43 12.30 -14.17
N PHE B 156 -1.18 12.27 -13.07
CA PHE B 156 -2.13 11.19 -12.81
C PHE B 156 -3.53 11.77 -12.79
N PRO B 157 -4.13 11.95 -13.96
CA PRO B 157 -5.48 12.51 -14.07
C PRO B 157 -6.59 11.51 -13.75
N VAL B 158 -7.76 12.06 -13.46
CA VAL B 158 -8.94 11.27 -13.19
C VAL B 158 -9.98 11.86 -14.13
N TYR B 159 -10.60 11.01 -14.94
CA TYR B 159 -11.60 11.47 -15.89
C TYR B 159 -13.00 10.96 -15.63
N ASP B 160 -13.99 11.69 -16.16
CA ASP B 160 -15.38 11.29 -16.04
C ASP B 160 -15.62 10.38 -17.24
N VAL B 161 -15.87 9.11 -16.98
CA VAL B 161 -16.13 8.15 -18.05
C VAL B 161 -17.56 7.70 -17.80
N ASP B 162 -18.47 8.24 -18.61
CA ASP B 162 -19.88 7.94 -18.47
C ASP B 162 -20.28 8.34 -17.05
N ALA B 163 -20.70 7.40 -16.22
CA ALA B 163 -21.12 7.79 -14.86
C ALA B 163 -20.04 7.62 -13.79
N ALA B 164 -18.84 7.18 -14.18
CA ALA B 164 -17.78 6.95 -13.19
C ALA B 164 -16.54 7.80 -13.32
N LYS B 165 -15.90 8.06 -12.18
CA LYS B 165 -14.64 8.83 -12.15
C LYS B 165 -13.58 7.74 -12.24
N MET B 166 -12.80 7.75 -13.31
CA MET B 166 -11.79 6.73 -13.50
C MET B 166 -10.36 7.26 -13.65
N GLY B 167 -9.43 6.55 -13.02
CA GLY B 167 -8.03 6.92 -13.10
C GLY B 167 -7.29 5.77 -13.76
N MET B 168 -6.22 6.10 -14.47
CA MET B 168 -5.44 5.06 -15.15
C MET B 168 -4.05 4.90 -14.56
N PHE B 169 -3.56 3.67 -14.58
CA PHE B 169 -2.21 3.36 -14.14
C PHE B 169 -1.72 2.42 -15.23
N ILE B 170 -0.41 2.30 -15.39
CA ILE B 170 0.10 1.38 -16.38
C ILE B 170 1.16 0.52 -15.74
N ALA B 171 0.92 -0.79 -15.77
CA ALA B 171 1.83 -1.78 -15.24
C ALA B 171 2.55 -1.41 -13.96
N ASN B 172 3.86 -1.19 -14.05
CA ASN B 172 4.69 -0.84 -12.90
C ASN B 172 4.10 0.25 -12.00
N ASP B 173 3.30 1.14 -12.57
CA ASP B 173 2.66 2.21 -11.79
C ASP B 173 1.89 1.66 -10.60
N ARG B 174 1.27 0.50 -10.77
CA ARG B 174 0.46 -0.08 -9.71
C ARG B 174 1.20 -0.36 -8.41
N ARG B 175 2.53 -0.41 -8.49
CA ARG B 175 3.35 -0.70 -7.31
C ARG B 175 3.71 0.55 -6.51
N TRP B 176 3.41 1.73 -7.05
CA TRP B 176 3.74 2.99 -6.37
C TRP B 176 2.53 3.64 -5.71
N PRO B 177 2.55 3.72 -4.37
CA PRO B 177 1.44 4.31 -3.62
C PRO B 177 1.12 5.75 -4.03
N GLU B 178 2.13 6.46 -4.55
CA GLU B 178 1.92 7.84 -4.97
C GLU B 178 0.92 7.94 -6.14
N ALA B 179 1.02 7.02 -7.08
CA ALA B 179 0.12 7.03 -8.24
C ALA B 179 -1.32 6.83 -7.76
N TRP B 180 -1.51 5.85 -6.88
CA TRP B 180 -2.83 5.56 -6.35
C TRP B 180 -3.39 6.74 -5.57
N ARG B 181 -2.59 7.27 -4.65
CA ARG B 181 -3.03 8.37 -3.81
C ARG B 181 -3.42 9.65 -4.55
N VAL B 182 -2.63 10.03 -5.55
CA VAL B 182 -2.95 11.24 -6.30
C VAL B 182 -4.33 11.09 -6.93
N MET B 183 -4.59 9.94 -7.52
CA MET B 183 -5.88 9.69 -8.16
C MET B 183 -6.96 9.54 -7.09
N GLY B 184 -6.59 9.01 -5.94
CA GLY B 184 -7.54 8.87 -4.86
C GLY B 184 -7.96 10.25 -4.39
N LEU B 185 -7.00 11.16 -4.29
CA LEU B 185 -7.27 12.52 -3.85
C LEU B 185 -8.09 13.25 -4.90
N ARG B 186 -8.06 12.75 -6.13
CA ARG B 186 -8.83 13.35 -7.21
C ARG B 186 -10.20 12.69 -7.36
N GLY B 187 -10.59 11.90 -6.36
CA GLY B 187 -11.90 11.28 -6.35
C GLY B 187 -12.15 10.05 -7.21
N ALA B 188 -11.10 9.42 -7.71
CA ALA B 188 -11.28 8.24 -8.55
C ALA B 188 -12.09 7.17 -7.81
N GLU B 189 -13.07 6.60 -8.50
CA GLU B 189 -13.91 5.54 -7.94
C GLU B 189 -13.42 4.21 -8.51
N ILE B 190 -12.80 4.30 -9.68
CA ILE B 190 -12.23 3.13 -10.35
C ILE B 190 -10.83 3.52 -10.79
N ILE B 191 -9.87 2.64 -10.54
CA ILE B 191 -8.48 2.87 -10.93
C ILE B 191 -8.13 1.61 -11.69
N CYS B 192 -7.81 1.74 -12.98
CA CYS B 192 -7.54 0.57 -13.79
C CYS B 192 -6.37 0.72 -14.76
N GLY B 193 -5.87 -0.43 -15.20
CA GLY B 193 -4.75 -0.44 -16.13
C GLY B 193 -4.38 -1.86 -16.47
N GLY B 194 -3.32 -2.02 -17.27
CA GLY B 194 -2.89 -3.34 -17.67
C GLY B 194 -1.42 -3.56 -17.37
N TYR B 195 -0.88 -4.72 -17.74
CA TYR B 195 0.51 -5.01 -17.44
C TYR B 195 1.11 -6.19 -18.18
N ASN B 196 2.43 -6.12 -18.34
CA ASN B 196 3.23 -7.18 -18.96
C ASN B 196 4.28 -7.38 -17.87
N THR B 197 4.08 -8.43 -17.07
CA THR B 197 4.98 -8.72 -15.96
C THR B 197 5.62 -10.10 -16.05
N PRO B 198 6.85 -10.17 -16.56
CA PRO B 198 7.53 -11.47 -16.65
C PRO B 198 7.57 -12.10 -15.26
N THR B 199 7.44 -13.42 -15.17
CA THR B 199 7.48 -14.08 -13.88
C THR B 199 8.92 -14.33 -13.43
N HIS B 200 9.88 -13.87 -14.25
CA HIS B 200 11.29 -13.98 -13.93
C HIS B 200 11.88 -12.57 -13.93
N ASN B 201 12.63 -12.22 -12.88
CA ASN B 201 13.23 -10.91 -12.77
C ASN B 201 14.75 -11.07 -12.73
N PRO B 202 15.44 -10.80 -13.85
CA PRO B 202 16.89 -10.95 -13.89
C PRO B 202 17.70 -10.32 -12.75
N PRO B 203 17.41 -9.05 -12.40
CA PRO B 203 18.13 -8.35 -11.31
C PRO B 203 17.96 -9.00 -9.94
N VAL B 204 16.74 -9.40 -9.63
CA VAL B 204 16.44 -10.00 -8.33
C VAL B 204 15.58 -11.24 -8.54
N PRO B 205 16.18 -12.31 -9.11
CA PRO B 205 15.47 -13.56 -9.38
C PRO B 205 14.89 -14.25 -8.14
N GLN B 206 15.43 -13.93 -6.97
CA GLN B 206 14.95 -14.54 -5.73
C GLN B 206 13.51 -14.15 -5.39
N HIS B 207 12.91 -13.26 -6.16
CA HIS B 207 11.52 -12.85 -5.91
C HIS B 207 10.59 -13.45 -6.98
N ASP B 208 11.13 -14.27 -7.87
CA ASP B 208 10.31 -14.85 -8.93
C ASP B 208 9.03 -15.53 -8.45
N HIS B 209 9.14 -16.37 -7.43
CA HIS B 209 7.98 -17.09 -6.90
C HIS B 209 6.99 -16.19 -6.17
N LEU B 210 7.31 -14.89 -6.08
CA LEU B 210 6.42 -13.94 -5.42
C LEU B 210 5.79 -12.99 -6.44
N THR B 211 5.96 -13.28 -7.72
CA THR B 211 5.41 -12.41 -8.77
C THR B 211 3.91 -12.19 -8.63
N SER B 212 3.14 -13.27 -8.46
CA SER B 212 1.70 -13.14 -8.31
C SER B 212 1.39 -12.34 -7.04
N PHE B 213 2.03 -12.73 -5.94
CA PHE B 213 1.86 -12.10 -4.63
C PHE B 213 2.09 -10.58 -4.68
N HIS B 214 3.21 -10.17 -5.27
CA HIS B 214 3.50 -8.74 -5.33
C HIS B 214 2.50 -7.95 -6.16
N HIS B 215 2.02 -8.57 -7.24
CA HIS B 215 1.05 -7.95 -8.14
C HIS B 215 -0.28 -7.75 -7.40
N LEU B 216 -0.82 -8.83 -6.85
CA LEU B 216 -2.09 -8.76 -6.13
C LEU B 216 -2.00 -7.91 -4.86
N LEU B 217 -0.86 -7.97 -4.18
CA LEU B 217 -0.69 -7.16 -2.98
C LEU B 217 -0.83 -5.68 -3.33
N SER B 218 -0.21 -5.28 -4.43
CA SER B 218 -0.25 -3.89 -4.87
C SER B 218 -1.68 -3.47 -5.24
N MET B 219 -2.39 -4.33 -5.95
CA MET B 219 -3.76 -4.04 -6.34
C MET B 219 -4.67 -3.94 -5.12
N GLN B 220 -4.57 -4.93 -4.24
CA GLN B 220 -5.40 -4.96 -3.03
C GLN B 220 -5.16 -3.77 -2.11
N ALA B 221 -3.88 -3.47 -1.86
CA ALA B 221 -3.55 -2.36 -0.98
C ALA B 221 -3.97 -1.01 -1.57
N GLY B 222 -3.74 -0.83 -2.87
CA GLY B 222 -4.12 0.42 -3.51
C GLY B 222 -5.62 0.68 -3.41
N SER B 223 -6.42 -0.33 -3.73
CA SER B 223 -7.87 -0.20 -3.66
C SER B 223 -8.32 0.14 -2.24
N TYR B 224 -7.90 -0.67 -1.29
CA TYR B 224 -8.28 -0.47 0.11
C TYR B 224 -7.94 0.92 0.66
N GLN B 225 -6.67 1.30 0.59
CA GLN B 225 -6.27 2.57 1.16
C GLN B 225 -6.78 3.83 0.45
N ASN B 226 -7.43 3.65 -0.70
CA ASN B 226 -7.99 4.78 -1.43
C ASN B 226 -9.50 4.61 -1.59
N GLY B 227 -10.02 3.49 -1.10
CA GLY B 227 -11.45 3.23 -1.22
C GLY B 227 -11.88 3.24 -2.67
N ALA B 228 -11.08 2.63 -3.53
CA ALA B 228 -11.40 2.57 -4.96
C ALA B 228 -11.49 1.16 -5.51
N TRP B 229 -12.40 0.98 -6.46
CA TRP B 229 -12.51 -0.31 -7.13
C TRP B 229 -11.30 -0.23 -8.05
N SER B 230 -10.75 -1.37 -8.42
CA SER B 230 -9.61 -1.37 -9.33
C SER B 230 -9.67 -2.60 -10.21
N ALA B 231 -8.94 -2.56 -11.31
CA ALA B 231 -8.92 -3.68 -12.23
C ALA B 231 -7.58 -3.65 -12.92
N ALA B 232 -7.01 -4.84 -13.13
CA ALA B 232 -5.72 -4.94 -13.78
C ALA B 232 -5.81 -6.02 -14.86
N ALA B 233 -5.50 -5.63 -16.09
CA ALA B 233 -5.54 -6.56 -17.21
C ALA B 233 -4.14 -6.92 -17.66
N GLY B 234 -3.80 -8.19 -17.55
CA GLY B 234 -2.46 -8.56 -17.98
C GLY B 234 -2.44 -9.27 -19.31
N LYS B 235 -1.28 -9.23 -19.96
CA LYS B 235 -1.07 -9.95 -21.19
C LYS B 235 -0.18 -11.04 -20.61
N ALA B 236 -0.67 -12.27 -20.59
CA ALA B 236 0.08 -13.37 -19.98
C ALA B 236 0.47 -14.49 -20.92
N GLY B 237 1.12 -15.51 -20.35
CA GLY B 237 1.54 -16.66 -21.13
C GLY B 237 2.96 -16.55 -21.65
N MET B 238 3.38 -17.56 -22.39
CA MET B 238 4.73 -17.61 -22.96
C MET B 238 4.80 -16.77 -24.24
N GLU B 239 5.24 -15.51 -24.11
CA GLU B 239 5.34 -14.64 -25.26
C GLU B 239 6.79 -14.49 -25.70
N GLU B 240 7.09 -15.00 -26.89
CA GLU B 240 8.45 -14.94 -27.43
C GLU B 240 9.46 -15.46 -26.41
N ASN B 241 9.19 -16.64 -25.86
CA ASN B 241 10.06 -17.29 -24.88
C ASN B 241 10.19 -16.65 -23.51
N CYS B 242 9.28 -15.73 -23.19
CA CYS B 242 9.29 -15.07 -21.88
C CYS B 242 7.93 -15.29 -21.24
N MET B 243 7.90 -15.93 -20.08
CA MET B 243 6.63 -16.19 -19.40
C MET B 243 6.11 -14.94 -18.69
N LEU B 244 4.90 -14.54 -19.05
CA LEU B 244 4.27 -13.36 -18.47
C LEU B 244 3.19 -13.74 -17.45
N LEU B 245 3.08 -12.95 -16.40
CA LEU B 245 2.13 -13.18 -15.33
C LEU B 245 0.67 -12.99 -15.73
N GLY B 246 -0.19 -13.88 -15.23
CA GLY B 246 -1.60 -13.80 -15.49
C GLY B 246 -2.24 -13.13 -14.27
N HIS B 247 -3.20 -13.82 -13.66
CA HIS B 247 -3.88 -13.28 -12.49
C HIS B 247 -4.43 -11.86 -12.68
N SER B 248 -5.13 -11.65 -13.79
CA SER B 248 -5.76 -10.37 -14.05
C SER B 248 -6.83 -10.32 -12.97
N CYS B 249 -7.22 -9.13 -12.54
CA CYS B 249 -8.19 -9.06 -11.45
C CYS B 249 -9.06 -7.82 -11.37
N ILE B 250 -10.11 -7.93 -10.57
CA ILE B 250 -11.01 -6.82 -10.29
C ILE B 250 -11.07 -6.83 -8.78
N VAL B 251 -10.87 -5.65 -8.17
CA VAL B 251 -10.83 -5.53 -6.73
C VAL B 251 -11.78 -4.48 -6.17
N ALA B 252 -12.44 -4.82 -5.05
CA ALA B 252 -13.38 -3.91 -4.41
C ALA B 252 -12.63 -2.85 -3.60
N PRO B 253 -13.33 -1.76 -3.23
CA PRO B 253 -12.79 -0.65 -2.44
C PRO B 253 -12.24 -1.08 -1.08
N THR B 254 -12.58 -2.30 -0.69
CA THR B 254 -12.12 -2.86 0.58
C THR B 254 -10.82 -3.62 0.35
N GLY B 255 -10.41 -3.74 -0.91
CA GLY B 255 -9.19 -4.46 -1.22
C GLY B 255 -9.45 -5.94 -1.49
N GLU B 256 -10.71 -6.34 -1.38
CA GLU B 256 -11.10 -7.73 -1.60
C GLU B 256 -11.11 -8.01 -3.09
N ILE B 257 -10.45 -9.09 -3.51
CA ILE B 257 -10.43 -9.44 -4.92
C ILE B 257 -11.79 -10.08 -5.21
N VAL B 258 -12.52 -9.53 -6.17
CA VAL B 258 -13.83 -10.06 -6.47
C VAL B 258 -13.86 -10.91 -7.74
N ALA B 259 -12.82 -10.78 -8.55
CA ALA B 259 -12.73 -11.55 -9.78
C ALA B 259 -11.27 -11.77 -10.14
N LEU B 260 -10.93 -12.97 -10.59
CA LEU B 260 -9.56 -13.29 -10.94
C LEU B 260 -9.50 -14.28 -12.09
N THR B 261 -8.59 -14.05 -13.04
CA THR B 261 -8.45 -14.98 -14.17
C THR B 261 -7.59 -16.16 -13.74
N THR B 262 -7.81 -17.31 -14.37
CA THR B 262 -7.04 -18.50 -14.02
C THR B 262 -6.26 -19.10 -15.18
N THR B 263 -6.49 -18.60 -16.39
CA THR B 263 -5.75 -19.12 -17.54
C THR B 263 -4.65 -18.13 -17.90
N LEU B 264 -3.88 -18.46 -18.93
CA LEU B 264 -2.81 -17.60 -19.41
C LEU B 264 -3.10 -17.23 -20.86
N GLU B 265 -4.38 -17.20 -21.20
CA GLU B 265 -4.80 -16.88 -22.56
C GLU B 265 -5.80 -15.73 -22.53
N ASP B 266 -6.36 -15.38 -23.68
CA ASP B 266 -7.35 -14.33 -23.72
C ASP B 266 -8.44 -14.78 -22.77
N GLU B 267 -8.78 -13.95 -21.79
CA GLU B 267 -9.79 -14.33 -20.82
C GLU B 267 -10.56 -13.13 -20.31
N VAL B 268 -11.89 -13.25 -20.27
CA VAL B 268 -12.74 -12.16 -19.79
C VAL B 268 -13.33 -12.48 -18.43
N ILE B 269 -13.27 -11.52 -17.50
CA ILE B 269 -13.86 -11.69 -16.19
C ILE B 269 -14.68 -10.43 -15.95
N THR B 270 -15.73 -10.54 -15.16
CA THR B 270 -16.57 -9.38 -14.88
C THR B 270 -16.98 -9.37 -13.42
N ALA B 271 -17.42 -8.21 -12.95
CA ALA B 271 -17.85 -8.07 -11.57
C ALA B 271 -18.81 -6.90 -11.47
N ALA B 272 -19.83 -7.02 -10.62
CA ALA B 272 -20.79 -5.96 -10.41
C ALA B 272 -20.10 -4.87 -9.58
N VAL B 273 -20.25 -3.62 -10.01
CA VAL B 273 -19.62 -2.49 -9.34
C VAL B 273 -20.61 -1.43 -8.87
N ASP B 274 -20.58 -1.15 -7.57
CA ASP B 274 -21.44 -0.13 -7.00
C ASP B 274 -20.50 1.01 -6.62
N LEU B 275 -20.55 2.10 -7.36
CA LEU B 275 -19.69 3.25 -7.10
C LEU B 275 -19.86 3.85 -5.70
N ASP B 276 -21.03 3.66 -5.10
CA ASP B 276 -21.25 4.19 -3.76
C ASP B 276 -20.53 3.36 -2.69
N ARG B 277 -20.03 2.19 -3.09
CA ARG B 277 -19.33 1.33 -2.15
C ARG B 277 -18.07 2.02 -1.63
N CYS B 278 -17.51 2.92 -2.44
CA CYS B 278 -16.30 3.63 -2.06
C CYS B 278 -16.48 4.39 -0.74
N ARG B 279 -17.71 4.84 -0.48
CA ARG B 279 -18.03 5.59 0.73
C ARG B 279 -17.71 4.83 2.03
N GLU B 280 -17.83 3.50 2.00
CA GLU B 280 -17.57 2.70 3.20
C GLU B 280 -16.17 2.99 3.76
N LEU B 281 -15.27 3.39 2.86
CA LEU B 281 -13.91 3.72 3.24
C LEU B 281 -13.70 5.23 3.26
N ARG B 282 -14.07 5.89 2.17
CA ARG B 282 -13.86 7.33 2.02
C ARG B 282 -14.64 8.30 2.89
N GLU B 283 -15.65 7.81 3.60
CA GLU B 283 -16.41 8.68 4.49
C GLU B 283 -16.17 8.21 5.91
N HIS B 284 -15.28 7.22 6.08
CA HIS B 284 -14.99 6.69 7.40
C HIS B 284 -13.50 6.48 7.73
N ILE B 285 -13.04 5.24 7.75
CA ILE B 285 -11.64 5.00 8.10
C ILE B 285 -10.65 5.78 7.25
N PHE B 286 -11.02 6.03 6.00
CA PHE B 286 -10.15 6.78 5.10
C PHE B 286 -10.81 8.06 4.63
N ASN B 287 -11.43 8.76 5.57
CA ASN B 287 -12.06 10.04 5.28
C ASN B 287 -10.86 10.98 5.24
N PHE B 288 -10.31 11.19 4.05
CA PHE B 288 -9.14 12.02 3.86
C PHE B 288 -9.16 13.37 4.58
N LYS B 289 -10.19 14.17 4.32
CA LYS B 289 -10.31 15.49 4.94
C LYS B 289 -10.25 15.47 6.46
N GLN B 290 -10.88 14.47 7.07
CA GLN B 290 -10.91 14.36 8.52
C GLN B 290 -9.66 13.79 9.18
N HIS B 291 -8.93 12.94 8.47
CA HIS B 291 -7.77 12.28 9.06
C HIS B 291 -6.37 12.67 8.60
N ARG B 292 -6.22 13.00 7.32
CA ARG B 292 -4.91 13.35 6.79
C ARG B 292 -4.32 14.64 7.37
N GLN B 293 -3.01 14.63 7.57
CA GLN B 293 -2.28 15.77 8.09
C GLN B 293 -1.16 16.03 7.09
N PRO B 294 -1.51 16.60 5.91
CA PRO B 294 -0.57 16.90 4.84
C PRO B 294 0.69 17.67 5.24
N GLN B 295 0.61 18.42 6.34
CA GLN B 295 1.77 19.20 6.77
C GLN B 295 2.97 18.30 7.11
N HIS B 296 2.72 17.00 7.23
CA HIS B 296 3.79 16.06 7.56
C HIS B 296 4.22 15.16 6.39
N TYR B 297 3.60 15.36 5.22
CA TYR B 297 3.91 14.54 4.04
C TYR B 297 4.80 15.22 3.02
N GLY B 298 5.28 16.42 3.34
CA GLY B 298 6.10 17.17 2.40
C GLY B 298 7.20 16.45 1.66
N LEU B 299 7.94 15.60 2.35
CA LEU B 299 9.06 14.86 1.74
C LEU B 299 8.67 14.04 0.52
N ILE B 300 7.45 13.52 0.51
CA ILE B 300 6.98 12.71 -0.60
C ILE B 300 6.98 13.51 -1.90
N ALA B 301 6.76 14.81 -1.80
CA ALA B 301 6.71 15.66 -3.00
C ALA B 301 8.00 16.41 -3.31
N GLU B 302 9.03 16.25 -2.47
CA GLU B 302 10.29 16.92 -2.72
C GLU B 302 10.97 16.38 -3.96
N LEU B 303 11.49 17.28 -4.79
CA LEU B 303 12.14 16.89 -6.03
C LEU B 303 13.50 16.26 -5.76
N ING C . -7.17 1.53 16.13
CA ING C . -7.67 1.63 14.74
C ING C . -6.69 1.01 13.79
O ING C . -6.01 0.04 14.02
CG ING C . -10.08 1.85 14.15
CB ING C . -9.02 0.92 14.63
CD1 ING C . -10.35 1.93 12.74
CD2 ING C . -10.83 2.66 15.07
CE1 ING C . -11.39 2.80 12.25
CE2 ING C . -11.89 3.53 14.58
CZ ING C . -12.17 3.59 13.17
OXT ING C . -6.67 1.69 12.64
C1 ING C . -6.21 2.39 16.63
N1 ING C . -5.81 2.21 17.93
O1 ING C . -5.73 3.27 15.96
N ING D . 6.34 -4.53 -15.98
CA ING D . 6.94 -4.48 -14.65
C ING D . 5.86 -4.45 -13.58
O ING D . 4.83 -5.08 -13.62
CG ING D . 9.19 -5.32 -13.99
CB ING D . 7.82 -5.71 -14.44
CD1 ING D . 9.45 -5.23 -12.56
CD2 ING D . 10.24 -5.04 -14.92
CE1 ING D . 10.75 -4.83 -12.10
CE2 ING D . 11.54 -4.63 -14.45
CZ ING D . 11.80 -4.58 -13.04
OXT ING D . 6.20 -3.62 -12.61
C1 ING D . 5.91 -3.40 -16.64
N1 ING D . 5.39 -3.57 -17.90
O1 ING D . 5.96 -2.30 -16.14
#